data_3NIL
#
_entry.id   3NIL
#
_cell.length_a   44.323
_cell.length_b   44.323
_cell.length_c   139.506
_cell.angle_alpha   90.000
_cell.angle_beta   90.000
_cell.angle_gamma   120.000
#
_symmetry.space_group_name_H-M   'P 32'
#
loop_
_entity.id
_entity.type
_entity.pdbx_description
1 polymer 'E3 ubiquitin-protein ligase UBR1'
2 polymer 'Peptide RDAA'
3 non-polymer 'ZINC ION'
4 non-polymer 'ACETATE ION'
5 water water
#
loop_
_entity_poly.entity_id
_entity_poly.type
_entity_poly.pdbx_seq_one_letter_code
_entity_poly.pdbx_strand_id
1 'polypeptide(L)'
;GSVHKHTGRNCGRKFKIGEPLYRCHECGCDDTCVLCIHCFNPKDHVNHHVCTDICTEFTSGICDCGDEEAWNSPLHCKAE
EQ
;
A,B,D,F
2 'polypeptide(L)' RDAA X
#
# COMPACT_ATOMS: atom_id res chain seq x y z
N GLY A 1 -10.97 -29.14 -5.16
CA GLY A 1 -10.14 -28.39 -4.16
C GLY A 1 -10.98 -27.88 -3.01
N SER A 2 -10.34 -27.31 -1.98
CA SER A 2 -11.08 -26.68 -0.90
C SER A 2 -10.44 -25.37 -0.52
N VAL A 3 -11.20 -24.28 -0.60
CA VAL A 3 -10.67 -22.95 -0.26
C VAL A 3 -11.66 -22.04 0.47
N HIS A 4 -11.24 -21.48 1.60
CA HIS A 4 -12.12 -20.61 2.38
C HIS A 4 -12.33 -19.30 1.63
N LYS A 5 -13.60 -18.90 1.50
CA LYS A 5 -13.94 -17.63 0.87
C LYS A 5 -13.70 -16.50 1.87
N HIS A 6 -13.37 -15.32 1.35
CA HIS A 6 -13.16 -14.14 2.19
C HIS A 6 -14.13 -13.03 1.79
N THR A 7 -15.38 -13.42 1.55
CA THR A 7 -16.39 -12.50 1.02
C THR A 7 -16.61 -11.28 1.89
N GLY A 8 -16.57 -10.10 1.27
CA GLY A 8 -16.80 -8.83 1.96
C GLY A 8 -15.58 -8.26 2.66
N ARG A 9 -14.42 -8.87 2.42
CA ARG A 9 -13.16 -8.38 2.99
C ARG A 9 -11.99 -8.78 2.11
N ASN A 10 -10.80 -8.37 2.49
CA ASN A 10 -9.60 -8.72 1.76
C ASN A 10 -9.19 -10.14 2.12
N CYS A 11 -8.35 -10.73 1.28
CA CYS A 11 -7.81 -12.04 1.57
C CYS A 11 -6.76 -11.93 2.70
N GLY A 12 -5.67 -11.23 2.41
CA GLY A 12 -4.61 -11.01 3.39
C GLY A 12 -3.81 -12.24 3.80
N ARG A 13 -3.98 -13.36 3.10
CA ARG A 13 -3.26 -14.59 3.41
C ARG A 13 -1.76 -14.37 3.29
N LYS A 14 -1.01 -14.72 4.33
CA LYS A 14 0.44 -14.72 4.27
C LYS A 14 0.94 -15.94 3.49
N PHE A 15 1.71 -15.68 2.45
CA PHE A 15 2.27 -16.74 1.63
C PHE A 15 3.14 -17.68 2.46
N LYS A 16 3.08 -18.97 2.12
CA LYS A 16 3.89 -20.00 2.77
C LYS A 16 5.07 -20.36 1.87
N ILE A 17 6.15 -20.85 2.47
CA ILE A 17 7.35 -21.24 1.73
C ILE A 17 6.99 -22.16 0.57
N GLY A 18 7.38 -21.76 -0.63
CA GLY A 18 7.14 -22.53 -1.85
C GLY A 18 6.01 -22.01 -2.72
N GLU A 19 5.05 -21.30 -2.12
CA GLU A 19 3.85 -20.84 -2.81
C GLU A 19 4.09 -19.70 -3.80
N PRO A 20 3.29 -19.63 -4.88
CA PRO A 20 3.42 -18.57 -5.87
C PRO A 20 2.75 -17.27 -5.44
N LEU A 21 3.38 -16.16 -5.79
CA LEU A 21 2.79 -14.83 -5.69
C LEU A 21 2.51 -14.30 -7.11
N TYR A 22 1.24 -14.25 -7.47
CA TYR A 22 0.86 -13.79 -8.80
C TYR A 22 0.81 -12.28 -8.89
N ARG A 23 1.44 -11.75 -9.94
CA ARG A 23 1.32 -10.34 -10.29
C ARG A 23 0.72 -10.20 -11.67
N CYS A 24 -0.06 -9.16 -11.88
CA CYS A 24 -0.54 -8.83 -13.20
C CYS A 24 -0.18 -7.41 -13.56
N HIS A 25 0.59 -7.28 -14.64
CA HIS A 25 1.05 -5.97 -15.11
C HIS A 25 -0.11 -5.00 -15.35
N GLU A 26 -1.20 -5.50 -15.91
CA GLU A 26 -2.34 -4.64 -16.27
C GLU A 26 -3.26 -4.30 -15.09
N CYS A 27 -3.62 -5.31 -14.28
CA CYS A 27 -4.55 -5.11 -13.18
C CYS A 27 -3.96 -4.46 -11.93
N GLY A 28 -2.71 -4.72 -11.65
CA GLY A 28 -2.08 -4.25 -10.41
C GLY A 28 -1.85 -2.75 -10.34
N CYS A 29 -2.26 -2.15 -9.22
CA CYS A 29 -1.89 -0.79 -8.89
C CYS A 29 -0.38 -0.55 -9.07
N ASP A 30 0.43 -1.47 -8.52
CA ASP A 30 1.88 -1.48 -8.74
C ASP A 30 2.47 -2.89 -8.58
N ASP A 31 3.80 -2.96 -8.64
CA ASP A 31 4.56 -4.21 -8.54
C ASP A 31 4.59 -4.87 -7.15
N THR A 32 4.01 -4.24 -6.13
CA THR A 32 3.92 -4.89 -4.83
C THR A 32 2.60 -5.66 -4.71
N CYS A 33 1.71 -5.47 -5.68
CA CYS A 33 0.34 -6.03 -5.59
C CYS A 33 0.33 -7.47 -6.07
N VAL A 34 0.00 -8.38 -5.14
CA VAL A 34 0.04 -9.82 -5.42
C VAL A 34 -1.24 -10.58 -5.07
N LEU A 35 -1.35 -11.78 -5.65
CA LEU A 35 -2.50 -12.66 -5.43
C LEU A 35 -2.04 -14.07 -5.12
N CYS A 36 -2.74 -14.70 -4.18
CA CYS A 36 -2.42 -16.06 -3.78
C CYS A 36 -3.12 -17.06 -4.70
N ILE A 37 -2.73 -18.34 -4.61
CA ILE A 37 -3.29 -19.40 -5.46
C ILE A 37 -4.77 -19.72 -5.18
N HIS A 38 -5.24 -19.34 -3.99
CA HIS A 38 -6.65 -19.48 -3.64
C HIS A 38 -7.50 -18.47 -4.42
N CYS A 39 -6.90 -17.32 -4.73
CA CYS A 39 -7.61 -16.17 -5.23
C CYS A 39 -7.44 -15.90 -6.72
N PHE A 40 -6.23 -16.10 -7.21
CA PHE A 40 -5.89 -15.77 -8.60
C PHE A 40 -6.84 -16.49 -9.54
N ASN A 41 -7.48 -15.73 -10.42
CA ASN A 41 -8.47 -16.29 -11.33
C ASN A 41 -7.98 -16.07 -12.75
N PRO A 42 -7.56 -17.16 -13.42
CA PRO A 42 -6.95 -17.08 -14.74
C PRO A 42 -7.83 -16.32 -15.75
N LYS A 43 -9.14 -16.44 -15.56
CA LYS A 43 -10.14 -15.75 -16.38
C LYS A 43 -10.05 -14.22 -16.35
N ASP A 44 -9.60 -13.67 -15.24
CA ASP A 44 -9.46 -12.22 -15.10
C ASP A 44 -8.31 -11.66 -15.94
N HIS A 45 -7.36 -12.51 -16.32
CA HIS A 45 -6.06 -12.07 -16.82
C HIS A 45 -5.64 -12.76 -18.14
N VAL A 46 -6.59 -13.37 -18.82
CA VAL A 46 -6.38 -14.03 -20.12
C VAL A 46 -5.57 -13.19 -21.13
N ASN A 47 -5.88 -11.89 -21.20
CA ASN A 47 -5.21 -10.99 -22.13
C ASN A 47 -4.15 -10.12 -21.47
N HIS A 48 -3.70 -10.55 -20.29
CA HIS A 48 -2.82 -9.74 -19.46
C HIS A 48 -1.46 -10.39 -19.30
N HIS A 49 -0.48 -9.58 -18.92
CA HIS A 49 0.88 -10.04 -18.63
C HIS A 49 1.01 -10.38 -17.15
N VAL A 50 1.06 -11.67 -16.87
CA VAL A 50 1.08 -12.18 -15.52
C VAL A 50 2.43 -12.83 -15.27
N CYS A 51 2.92 -12.74 -14.03
CA CYS A 51 4.08 -13.52 -13.64
C CYS A 51 3.97 -13.97 -12.20
N THR A 52 4.64 -15.07 -11.90
CA THR A 52 4.65 -15.63 -10.55
C THR A 52 6.04 -15.48 -9.91
N ASP A 53 6.05 -15.32 -8.59
CA ASP A 53 7.27 -15.34 -7.80
C ASP A 53 7.11 -16.50 -6.85
N ILE A 54 8.16 -16.88 -6.15
CA ILE A 54 8.09 -18.00 -5.21
C ILE A 54 8.44 -17.51 -3.82
N CYS A 55 7.61 -17.87 -2.85
CA CYS A 55 7.82 -17.44 -1.46
C CYS A 55 8.98 -18.21 -0.83
N THR A 56 9.90 -17.44 -0.25
CA THR A 56 11.07 -18.00 0.43
C THR A 56 11.15 -17.27 1.76
N GLU A 57 12.08 -17.68 2.61
CA GLU A 57 12.33 -16.98 3.88
C GLU A 57 12.41 -15.47 3.65
N PHE A 58 12.94 -15.09 2.48
CA PHE A 58 13.23 -13.70 2.16
C PHE A 58 12.24 -13.00 1.19
N THR A 59 11.51 -13.78 0.39
CA THR A 59 10.43 -13.22 -0.42
C THR A 59 9.11 -13.57 0.24
N SER A 60 8.42 -12.56 0.76
CA SER A 60 7.23 -12.79 1.60
C SER A 60 6.10 -11.86 1.23
N GLY A 61 4.99 -11.98 1.95
CA GLY A 61 3.93 -11.01 1.82
C GLY A 61 2.57 -11.57 2.11
N ILE A 62 1.56 -10.78 1.78
CA ILE A 62 0.18 -11.15 1.94
C ILE A 62 -0.58 -10.84 0.65
N CYS A 63 -1.65 -11.61 0.45
CA CYS A 63 -2.45 -11.53 -0.76
C CYS A 63 -3.36 -10.31 -0.72
N ASP A 64 -3.41 -9.57 -1.84
CA ASP A 64 -4.16 -8.31 -1.93
C ASP A 64 -5.55 -8.44 -2.55
N CYS A 65 -5.99 -9.67 -2.84
CA CYS A 65 -7.33 -9.87 -3.38
C CYS A 65 -8.39 -9.23 -2.47
N GLY A 66 -9.29 -8.46 -3.05
CA GLY A 66 -10.34 -7.81 -2.27
C GLY A 66 -9.89 -6.57 -1.51
N ASP A 67 -8.65 -6.15 -1.70
CA ASP A 67 -8.21 -4.80 -1.33
C ASP A 67 -8.36 -3.96 -2.58
N GLU A 68 -9.41 -3.15 -2.59
CA GLU A 68 -9.81 -2.41 -3.79
C GLU A 68 -8.75 -1.42 -4.23
N GLU A 69 -7.90 -1.00 -3.29
CA GLU A 69 -6.88 0.00 -3.58
C GLU A 69 -5.71 -0.59 -4.39
N ALA A 70 -5.61 -1.91 -4.43
CA ALA A 70 -4.49 -2.60 -5.08
C ALA A 70 -4.70 -2.98 -6.55
N TRP A 71 -5.92 -2.79 -7.07
CA TRP A 71 -6.29 -3.27 -8.41
C TRP A 71 -7.00 -2.23 -9.26
N ASN A 72 -6.59 -2.13 -10.52
CA ASN A 72 -7.15 -1.22 -11.52
C ASN A 72 -8.45 -1.70 -12.12
N SER A 73 -8.77 -2.97 -11.90
CA SER A 73 -9.93 -3.64 -12.47
C SER A 73 -10.56 -4.53 -11.42
N PRO A 74 -11.89 -4.73 -11.48
CA PRO A 74 -12.54 -5.74 -10.65
C PRO A 74 -11.89 -7.11 -10.82
N LEU A 75 -11.52 -7.75 -9.70
CA LEU A 75 -11.15 -9.17 -9.70
C LEU A 75 -12.35 -10.00 -9.34
N HIS A 76 -12.32 -11.25 -9.79
CA HIS A 76 -13.34 -12.23 -9.47
C HIS A 76 -12.63 -13.37 -8.77
N CYS A 77 -12.54 -13.25 -7.45
CA CYS A 77 -11.80 -14.18 -6.65
C CYS A 77 -12.16 -15.62 -7.03
N LYS A 78 -11.14 -16.45 -7.30
CA LYS A 78 -11.37 -17.86 -7.64
C LYS A 78 -12.16 -18.63 -6.57
N ALA A 79 -11.93 -18.31 -5.29
CA ALA A 79 -12.62 -19.00 -4.20
C ALA A 79 -14.15 -18.88 -4.25
N GLU A 80 -14.64 -17.83 -4.89
CA GLU A 80 -16.09 -17.61 -4.99
C GLU A 80 -16.74 -18.55 -6.00
N GLU A 81 -15.94 -19.14 -6.88
CA GLU A 81 -16.44 -20.08 -7.89
C GLU A 81 -16.75 -21.45 -7.30
N GLY B 1 0.35 -7.25 0.06
CA GLY B 1 1.45 -6.81 -0.85
C GLY B 1 2.68 -7.68 -0.68
N SER B 2 3.60 -7.58 -1.64
CA SER B 2 4.82 -8.39 -1.61
C SER B 2 5.98 -7.64 -0.92
N VAL B 3 6.88 -8.40 -0.30
CA VAL B 3 8.03 -7.87 0.43
C VAL B 3 9.30 -8.69 0.16
N HIS B 4 10.37 -8.03 -0.29
CA HIS B 4 11.71 -8.63 -0.24
C HIS B 4 12.70 -7.59 0.28
N LYS B 5 13.19 -7.83 1.49
CA LYS B 5 14.12 -6.91 2.14
C LYS B 5 15.52 -7.13 1.58
N HIS B 6 16.31 -6.04 1.51
CA HIS B 6 17.71 -6.15 1.09
C HIS B 6 18.58 -5.65 2.25
N THR B 7 18.26 -6.08 3.47
CA THR B 7 18.94 -5.58 4.67
C THR B 7 20.44 -5.86 4.59
N GLY B 8 21.24 -4.83 4.84
CA GLY B 8 22.70 -4.94 4.86
C GLY B 8 23.37 -4.56 3.55
N ARG B 9 22.56 -4.35 2.52
CA ARG B 9 23.06 -3.97 1.20
C ARG B 9 22.14 -2.98 0.49
N ASN B 10 22.55 -2.54 -0.69
CA ASN B 10 21.74 -1.68 -1.53
C ASN B 10 20.65 -2.49 -2.22
N CYS B 11 19.62 -1.80 -2.71
CA CYS B 11 18.56 -2.43 -3.47
C CYS B 11 19.04 -2.80 -4.87
N GLY B 12 19.42 -1.79 -5.66
CA GLY B 12 19.95 -2.03 -7.01
C GLY B 12 18.99 -2.57 -8.05
N ARG B 13 17.70 -2.59 -7.73
CA ARG B 13 16.72 -3.09 -8.67
C ARG B 13 16.72 -2.24 -9.95
N LYS B 14 16.87 -2.90 -11.09
CA LYS B 14 16.78 -2.26 -12.39
C LYS B 14 15.31 -2.04 -12.74
N PHE B 15 14.96 -0.79 -13.03
CA PHE B 15 13.59 -0.45 -13.43
C PHE B 15 13.27 -1.12 -14.76
N LYS B 16 12.03 -1.58 -14.87
CA LYS B 16 11.53 -2.14 -16.11
C LYS B 16 10.62 -1.09 -16.75
N ILE B 17 10.41 -1.19 -18.05
CA ILE B 17 9.56 -0.22 -18.78
C ILE B 17 8.22 -0.04 -18.06
N GLY B 18 7.80 1.21 -17.92
CA GLY B 18 6.50 1.52 -17.33
C GLY B 18 6.54 1.72 -15.83
N GLU B 19 7.66 1.32 -15.21
CA GLU B 19 7.79 1.41 -13.76
C GLU B 19 8.16 2.83 -13.32
N PRO B 20 7.71 3.25 -12.14
CA PRO B 20 8.01 4.57 -11.64
C PRO B 20 9.38 4.67 -10.95
N LEU B 21 10.08 5.76 -11.23
CA LEU B 21 11.30 6.12 -10.52
C LEU B 21 10.94 7.27 -9.63
N TYR B 22 11.29 7.16 -8.35
CA TYR B 22 10.97 8.18 -7.36
C TYR B 22 12.18 9.05 -7.07
N ARG B 23 11.99 10.36 -7.16
CA ARG B 23 13.03 11.30 -6.75
C ARG B 23 12.51 12.18 -5.63
N CYS B 24 13.38 12.46 -4.68
CA CYS B 24 13.12 13.48 -3.68
C CYS B 24 14.19 14.56 -3.82
N HIS B 25 13.75 15.79 -4.06
CA HIS B 25 14.66 16.94 -4.13
C HIS B 25 15.52 17.08 -2.87
N GLU B 26 14.91 16.97 -1.69
CA GLU B 26 15.61 17.21 -0.42
C GLU B 26 16.53 16.10 0.06
N CYS B 27 16.20 14.85 -0.26
CA CYS B 27 16.99 13.71 0.20
C CYS B 27 18.08 13.30 -0.78
N GLY B 28 17.75 13.33 -2.08
CA GLY B 28 18.70 12.94 -3.12
C GLY B 28 19.90 13.86 -3.17
N CYS B 29 21.10 13.28 -3.01
CA CYS B 29 22.33 14.07 -3.07
C CYS B 29 22.45 14.76 -4.42
N ASP B 30 21.96 14.11 -5.45
CA ASP B 30 21.93 14.69 -6.77
C ASP B 30 20.76 14.17 -7.57
N ASP B 31 20.66 14.68 -8.80
CA ASP B 31 19.55 14.45 -9.71
C ASP B 31 19.41 13.02 -10.20
N THR B 32 20.41 12.18 -9.92
CA THR B 32 20.39 10.81 -10.41
C THR B 32 19.92 9.81 -9.34
N CYS B 33 19.77 10.27 -8.10
CA CYS B 33 19.41 9.37 -7.00
C CYS B 33 17.92 9.01 -7.09
N VAL B 34 17.63 7.72 -7.10
CA VAL B 34 16.25 7.27 -7.32
C VAL B 34 15.87 6.10 -6.43
N LEU B 35 14.57 5.94 -6.26
CA LEU B 35 14.04 4.84 -5.46
C LEU B 35 12.96 4.09 -6.23
N CYS B 36 12.87 2.77 -6.01
CA CYS B 36 11.78 1.99 -6.59
C CYS B 36 10.56 1.96 -5.66
N ILE B 37 9.48 1.41 -6.21
CA ILE B 37 8.19 1.28 -5.52
C ILE B 37 8.27 0.40 -4.25
N HIS B 38 9.20 -0.56 -4.26
CA HIS B 38 9.40 -1.45 -3.11
C HIS B 38 10.08 -0.79 -1.92
N CYS B 39 10.78 0.30 -2.19
CA CYS B 39 11.67 0.93 -1.24
C CYS B 39 11.19 2.29 -0.74
N PHE B 40 10.58 3.08 -1.62
CA PHE B 40 10.18 4.45 -1.33
C PHE B 40 9.26 4.47 -0.12
N ASN B 41 9.63 5.25 0.90
CA ASN B 41 8.81 5.37 2.10
C ASN B 41 8.39 6.82 2.33
N PRO B 42 7.09 7.10 2.12
CA PRO B 42 6.50 8.44 2.30
C PRO B 42 6.88 9.11 3.63
N LYS B 43 7.01 8.33 4.69
CA LYS B 43 7.42 8.83 6.00
C LYS B 43 8.72 9.65 5.94
N ASP B 44 9.71 9.14 5.21
CA ASP B 44 11.00 9.81 5.02
C ASP B 44 10.86 11.14 4.30
N HIS B 45 9.73 11.33 3.61
CA HIS B 45 9.56 12.44 2.67
C HIS B 45 8.29 13.26 2.88
N VAL B 46 7.79 13.20 4.11
CA VAL B 46 6.56 13.89 4.53
C VAL B 46 6.36 15.30 3.93
N ASN B 47 7.40 16.12 3.96
CA ASN B 47 7.30 17.50 3.47
C ASN B 47 8.27 17.82 2.34
N HIS B 48 8.59 16.79 1.55
CA HIS B 48 9.57 16.94 0.50
C HIS B 48 8.93 17.02 -0.88
N HIS B 49 9.71 17.56 -1.82
CA HIS B 49 9.29 17.70 -3.19
C HIS B 49 9.69 16.45 -3.94
N VAL B 50 8.70 15.61 -4.20
CA VAL B 50 8.90 14.30 -4.78
C VAL B 50 8.29 14.30 -6.17
N CYS B 51 8.92 13.58 -7.10
CA CYS B 51 8.32 13.38 -8.41
C CYS B 51 8.58 11.96 -8.89
N THR B 52 7.72 11.49 -9.80
CA THR B 52 7.88 10.18 -10.40
C THR B 52 8.07 10.28 -11.90
N ASP B 53 9.16 9.68 -12.36
CA ASP B 53 9.38 9.52 -13.78
C ASP B 53 8.96 8.12 -14.15
N ILE B 54 8.92 7.84 -15.45
CA ILE B 54 8.51 6.56 -15.93
C ILE B 54 9.68 5.99 -16.74
N CYS B 55 10.07 4.78 -16.39
CA CYS B 55 11.17 4.13 -17.05
C CYS B 55 10.81 3.86 -18.50
N THR B 56 11.65 4.37 -19.40
CA THR B 56 11.49 4.14 -20.82
C THR B 56 12.77 3.51 -21.37
N GLU B 57 12.76 3.31 -22.69
CA GLU B 57 13.95 2.94 -23.44
C GLU B 57 15.15 3.81 -23.07
N PHE B 58 14.92 5.11 -22.93
CA PHE B 58 15.96 6.10 -22.72
C PHE B 58 16.08 6.55 -21.26
N THR B 59 15.05 6.26 -20.46
CA THR B 59 15.06 6.54 -19.02
C THR B 59 15.20 5.22 -18.24
N SER B 60 16.43 4.87 -17.89
CA SER B 60 16.72 3.58 -17.29
C SER B 60 17.51 3.77 -16.01
N GLY B 61 17.79 2.66 -15.32
CA GLY B 61 18.62 2.76 -14.13
C GLY B 61 18.29 1.77 -13.04
N ILE B 62 18.86 2.04 -11.86
CA ILE B 62 18.74 1.17 -10.70
C ILE B 62 18.42 1.94 -9.41
N CYS B 63 17.72 1.27 -8.49
CA CYS B 63 17.29 1.87 -7.24
C CYS B 63 18.47 2.06 -6.29
N ASP B 64 18.57 3.26 -5.71
CA ASP B 64 19.64 3.60 -4.78
C ASP B 64 19.34 3.34 -3.31
N CYS B 65 18.16 2.79 -2.99
CA CYS B 65 17.87 2.53 -1.58
C CYS B 65 18.96 1.67 -0.96
N GLY B 66 19.45 2.06 0.22
CA GLY B 66 20.50 1.28 0.88
C GLY B 66 21.92 1.59 0.42
N ASP B 67 22.06 2.50 -0.53
CA ASP B 67 23.36 3.10 -0.85
C ASP B 67 23.40 4.42 -0.07
N GLU B 68 24.08 4.42 1.07
CA GLU B 68 23.99 5.58 1.96
C GLU B 68 24.73 6.82 1.45
N GLU B 69 25.50 6.67 0.39
CA GLU B 69 26.17 7.81 -0.23
C GLU B 69 25.17 8.60 -1.09
N ALA B 70 24.04 7.97 -1.40
CA ALA B 70 23.05 8.57 -2.29
C ALA B 70 22.03 9.50 -1.60
N TRP B 71 22.00 9.50 -0.27
CA TRP B 71 20.95 10.24 0.46
C TRP B 71 21.43 11.17 1.57
N ASN B 72 20.94 12.41 1.50
CA ASN B 72 21.27 13.48 2.47
C ASN B 72 20.85 13.14 3.90
N SER B 73 19.90 12.20 4.03
CA SER B 73 19.36 11.78 5.31
C SER B 73 19.17 10.27 5.30
N PRO B 74 19.25 9.62 6.47
CA PRO B 74 19.07 8.17 6.45
C PRO B 74 17.66 7.78 6.01
N LEU B 75 17.57 6.86 5.06
CA LEU B 75 16.28 6.34 4.60
C LEU B 75 15.84 5.16 5.45
N HIS B 76 14.54 4.88 5.41
CA HIS B 76 13.97 3.72 6.06
C HIS B 76 13.19 2.93 5.01
N CYS B 77 13.85 1.96 4.40
CA CYS B 77 13.26 1.14 3.34
C CYS B 77 11.87 0.66 3.74
N LYS B 78 10.90 0.89 2.85
CA LYS B 78 9.50 0.50 3.08
C LYS B 78 9.34 -0.99 3.34
N ALA B 79 10.16 -1.81 2.68
CA ALA B 79 10.12 -3.26 2.85
C ALA B 79 10.41 -3.68 4.29
N GLU B 80 11.17 -2.87 5.01
CA GLU B 80 11.52 -3.17 6.39
C GLU B 80 10.32 -3.06 7.35
N GLU B 81 9.26 -2.38 6.91
CA GLU B 81 8.07 -2.17 7.76
C GLU B 81 7.10 -3.35 7.80
N GLN B 82 7.23 -4.29 6.87
CA GLN B 82 6.35 -5.44 6.81
C GLN B 82 7.02 -6.69 7.35
N GLY C 1 -19.09 -22.39 15.25
CA GLY C 1 -17.91 -21.91 14.45
C GLY C 1 -18.18 -20.56 13.81
N SER C 2 -17.24 -19.64 14.00
CA SER C 2 -17.35 -18.29 13.46
C SER C 2 -16.70 -18.11 12.10
N VAL C 3 -17.28 -17.22 11.29
CA VAL C 3 -16.75 -16.83 10.00
C VAL C 3 -15.32 -16.25 10.14
N HIS C 4 -14.99 -15.79 11.34
CA HIS C 4 -13.72 -15.11 11.58
C HIS C 4 -12.55 -16.06 11.87
N LYS C 5 -12.86 -17.32 12.15
CA LYS C 5 -11.85 -18.33 12.42
C LYS C 5 -10.90 -18.51 11.21
N HIS C 6 -9.60 -18.54 11.49
CA HIS C 6 -8.59 -18.66 10.45
C HIS C 6 -7.52 -19.69 10.84
N THR C 7 -7.96 -20.81 11.40
CA THR C 7 -7.04 -21.85 11.87
C THR C 7 -6.07 -22.30 10.78
N GLY C 8 -4.78 -22.29 11.09
CA GLY C 8 -3.75 -22.75 10.16
C GLY C 8 -3.07 -21.63 9.38
N ARG C 9 -3.56 -20.41 9.55
CA ARG C 9 -2.99 -19.27 8.84
C ARG C 9 -3.12 -17.99 9.66
N ASN C 10 -2.62 -16.89 9.10
CA ASN C 10 -2.77 -15.58 9.69
C ASN C 10 -4.17 -15.05 9.38
N CYS C 11 -4.65 -14.12 10.22
CA CYS C 11 -5.91 -13.42 9.94
C CYS C 11 -5.83 -12.55 8.69
N GLY C 12 -4.95 -11.55 8.72
CA GLY C 12 -4.69 -10.68 7.59
C GLY C 12 -5.73 -9.61 7.27
N ARG C 13 -6.71 -9.44 8.15
CA ARG C 13 -7.79 -8.52 7.86
C ARG C 13 -7.24 -7.11 7.63
N LYS C 14 -7.64 -6.50 6.52
CA LYS C 14 -7.36 -5.10 6.28
C LYS C 14 -8.44 -4.26 6.94
N PHE C 15 -8.00 -3.38 7.83
CA PHE C 15 -8.90 -2.48 8.54
C PHE C 15 -9.54 -1.45 7.59
N LYS C 16 -10.83 -1.19 7.82
CA LYS C 16 -11.54 -0.11 7.13
C LYS C 16 -11.68 1.09 8.08
N ILE C 17 -11.79 2.29 7.49
CA ILE C 17 -11.93 3.53 8.25
C ILE C 17 -12.98 3.40 9.36
N GLY C 18 -12.57 3.74 10.58
CA GLY C 18 -13.46 3.70 11.74
C GLY C 18 -13.29 2.46 12.61
N GLU C 19 -12.67 1.42 12.08
CA GLU C 19 -12.49 0.17 12.81
C GLU C 19 -11.33 0.24 13.81
N PRO C 20 -11.45 -0.47 14.96
CA PRO C 20 -10.39 -0.47 15.97
C PRO C 20 -9.20 -1.34 15.59
N LEU C 21 -8.01 -0.91 16.02
CA LEU C 21 -6.78 -1.67 15.91
C LEU C 21 -6.18 -1.82 17.29
N TYR C 22 -5.97 -3.05 17.71
CA TYR C 22 -5.44 -3.32 19.04
C TYR C 22 -3.95 -3.56 19.01
N ARG C 23 -3.25 -2.97 19.99
CA ARG C 23 -1.84 -3.22 20.23
C ARG C 23 -1.58 -3.63 21.65
N CYS C 24 -0.63 -4.53 21.84
CA CYS C 24 -0.20 -4.90 23.17
C CYS C 24 1.28 -4.59 23.33
N HIS C 25 1.62 -3.82 24.35
CA HIS C 25 3.02 -3.53 24.61
C HIS C 25 3.85 -4.78 24.86
N GLU C 26 3.35 -5.67 25.71
CA GLU C 26 4.05 -6.90 26.07
C GLU C 26 4.15 -7.88 24.89
N CYS C 27 3.04 -8.07 24.20
CA CYS C 27 2.94 -9.12 23.20
C CYS C 27 3.52 -8.76 21.83
N GLY C 28 3.31 -7.52 21.39
CA GLY C 28 3.82 -7.07 20.10
C GLY C 28 5.34 -7.10 20.03
N CYS C 29 5.89 -7.72 18.98
CA CYS C 29 7.34 -7.72 18.75
C CYS C 29 7.83 -6.28 18.61
N ASP C 30 6.98 -5.45 18.01
CA ASP C 30 7.18 -4.02 17.93
C ASP C 30 5.84 -3.30 17.84
N ASP C 31 5.91 -1.98 17.72
CA ASP C 31 4.74 -1.09 17.67
C ASP C 31 3.87 -1.18 16.42
N THR C 32 4.30 -1.94 15.42
CA THR C 32 3.46 -2.07 14.22
C THR C 32 2.57 -3.32 14.24
N CYS C 33 2.75 -4.19 15.24
CA CYS C 33 1.99 -5.44 15.32
C CYS C 33 0.61 -5.18 15.93
N VAL C 34 -0.44 -5.52 15.18
CA VAL C 34 -1.81 -5.14 15.55
C VAL C 34 -2.76 -6.34 15.50
N LEU C 35 -3.87 -6.24 16.24
CA LEU C 35 -4.95 -7.24 16.21
C LEU C 35 -6.29 -6.61 15.91
N CYS C 36 -7.13 -7.33 15.16
CA CYS C 36 -8.48 -6.86 14.88
C CYS C 36 -9.44 -7.28 15.98
N ILE C 37 -10.64 -6.70 15.97
CA ILE C 37 -11.64 -6.95 17.02
C ILE C 37 -12.10 -8.41 17.06
N HIS C 38 -11.96 -9.12 15.96
CA HIS C 38 -12.44 -10.50 15.91
C HIS C 38 -11.41 -11.45 16.49
N CYS C 39 -10.18 -10.99 16.56
CA CYS C 39 -9.04 -11.82 16.99
C CYS C 39 -8.56 -11.48 18.40
N PHE C 40 -8.60 -10.20 18.76
CA PHE C 40 -8.13 -9.74 20.07
C PHE C 40 -8.86 -10.51 21.18
N ASN C 41 -8.09 -11.16 22.03
CA ASN C 41 -8.67 -11.92 23.12
C ASN C 41 -8.30 -11.29 24.46
N PRO C 42 -9.27 -10.62 25.11
CA PRO C 42 -9.00 -9.90 26.36
C PRO C 42 -8.13 -10.65 27.35
N LYS C 43 -8.39 -11.94 27.52
CA LYS C 43 -7.68 -12.76 28.50
C LYS C 43 -6.25 -13.14 28.10
N ASP C 44 -5.89 -12.91 26.85
CA ASP C 44 -4.52 -13.12 26.39
C ASP C 44 -3.60 -12.05 26.98
N HIS C 45 -4.21 -10.92 27.30
CA HIS C 45 -3.49 -9.70 27.63
C HIS C 45 -4.01 -9.23 28.97
N VAL C 46 -3.95 -10.16 29.93
CA VAL C 46 -4.46 -10.01 31.28
C VAL C 46 -3.78 -8.84 31.99
N ASN C 47 -2.50 -9.04 32.29
CA ASN C 47 -1.71 -8.05 32.98
C ASN C 47 -0.91 -7.18 32.01
N HIS C 48 -1.47 -6.98 30.81
CA HIS C 48 -0.77 -6.28 29.72
C HIS C 48 -1.30 -4.87 29.44
N HIS C 49 -0.41 -4.03 28.92
CA HIS C 49 -0.72 -2.65 28.54
C HIS C 49 -1.18 -2.55 27.09
N VAL C 50 -2.48 -2.30 26.92
CA VAL C 50 -3.17 -2.36 25.62
C VAL C 50 -3.66 -1.01 25.13
N CYS C 51 -3.54 -0.81 23.83
CA CYS C 51 -3.88 0.44 23.18
C CYS C 51 -4.88 0.13 22.05
N THR C 52 -5.98 0.87 22.01
CA THR C 52 -6.97 0.77 20.92
C THR C 52 -6.92 2.04 20.07
N ASP C 53 -6.52 1.88 18.81
CA ASP C 53 -6.49 2.99 17.85
C ASP C 53 -7.65 2.87 16.86
N ILE C 54 -7.92 3.95 16.12
CA ILE C 54 -9.01 3.97 15.16
C ILE C 54 -8.42 4.11 13.76
N CYS C 55 -8.88 3.26 12.84
CA CYS C 55 -8.37 3.25 11.45
C CYS C 55 -8.68 4.56 10.75
N THR C 56 -7.65 5.17 10.15
CA THR C 56 -7.84 6.32 9.28
C THR C 56 -7.53 5.96 7.84
N GLU C 57 -7.57 6.95 6.96
CA GLU C 57 -7.24 6.77 5.55
C GLU C 57 -5.78 6.39 5.37
N PHE C 58 -4.95 6.76 6.33
CA PHE C 58 -3.51 6.52 6.26
C PHE C 58 -3.09 5.25 6.98
N THR C 59 -4.05 4.60 7.64
CA THR C 59 -3.79 3.30 8.22
C THR C 59 -3.75 2.34 7.04
N SER C 60 -2.59 1.77 6.82
CA SER C 60 -2.51 0.62 5.93
C SER C 60 -2.16 -0.56 6.82
N GLY C 61 -3.16 -0.96 7.60
CA GLY C 61 -2.97 -1.99 8.61
C GLY C 61 -3.55 -3.32 8.18
N ILE C 62 -2.84 -4.40 8.55
CA ILE C 62 -3.46 -5.73 8.54
C ILE C 62 -3.30 -6.43 9.87
N CYS C 63 -4.36 -7.14 10.27
CA CYS C 63 -4.31 -7.91 11.49
C CYS C 63 -3.19 -8.94 11.42
N ASP C 64 -2.37 -8.96 12.46
CA ASP C 64 -1.22 -9.88 12.54
C ASP C 64 -1.52 -11.18 13.33
N CYS C 65 -2.77 -11.36 13.73
CA CYS C 65 -3.10 -12.59 14.44
C CYS C 65 -2.67 -13.80 13.61
N GLY C 66 -1.96 -14.73 14.24
CA GLY C 66 -1.58 -15.96 13.57
C GLY C 66 -0.29 -15.85 12.75
N ASP C 67 0.28 -14.66 12.68
CA ASP C 67 1.64 -14.48 12.19
C ASP C 67 2.54 -14.56 13.42
N GLU C 68 3.05 -15.75 13.71
CA GLU C 68 3.84 -16.00 14.93
C GLU C 68 5.11 -15.15 15.08
N GLU C 69 5.54 -14.52 14.00
CA GLU C 69 6.71 -13.66 14.02
C GLU C 69 6.38 -12.28 14.58
N ALA C 70 5.10 -11.96 14.66
CA ALA C 70 4.65 -10.65 15.14
C ALA C 70 4.43 -10.63 16.65
N TRP C 71 4.61 -11.77 17.32
CA TRP C 71 4.23 -11.90 18.72
C TRP C 71 5.28 -12.59 19.58
N ASN C 72 5.49 -12.05 20.78
CA ASN C 72 6.50 -12.60 21.70
C ASN C 72 6.03 -13.85 22.44
N SER C 73 4.74 -13.89 22.73
CA SER C 73 4.10 -15.05 23.38
C SER C 73 3.02 -15.61 22.46
N PRO C 74 2.62 -16.89 22.66
CA PRO C 74 1.51 -17.44 21.89
C PRO C 74 0.20 -16.68 22.09
N LEU C 75 -0.51 -16.40 20.99
CA LEU C 75 -1.87 -15.86 21.07
C LEU C 75 -2.89 -16.98 21.00
N HIS C 76 -4.04 -16.75 21.62
CA HIS C 76 -5.19 -17.64 21.50
C HIS C 76 -6.33 -16.85 20.87
N CYS C 77 -6.45 -16.96 19.54
CA CYS C 77 -7.43 -16.19 18.77
C CYS C 77 -8.84 -16.27 19.32
N LYS C 78 -9.47 -15.10 19.52
CA LYS C 78 -10.83 -15.01 20.06
C LYS C 78 -11.82 -15.81 19.21
N ALA C 79 -11.60 -15.78 17.89
CA ALA C 79 -12.48 -16.46 16.95
C ALA C 79 -12.46 -17.98 17.12
N GLU C 80 -11.41 -18.50 17.75
CA GLU C 80 -11.28 -19.95 18.03
C GLU C 80 -12.22 -20.43 19.13
N GLU C 81 -12.87 -19.50 19.82
CA GLU C 81 -13.83 -19.84 20.88
C GLU C 81 -15.19 -20.07 20.26
N GLY D 1 -16.71 5.05 6.52
CA GLY D 1 -16.40 5.84 5.31
C GLY D 1 -15.59 7.08 5.64
N SER D 2 -15.10 7.76 4.61
CA SER D 2 -14.19 8.90 4.76
C SER D 2 -14.89 10.24 4.97
N VAL D 3 -14.40 11.01 5.94
CA VAL D 3 -14.83 12.39 6.17
C VAL D 3 -14.57 13.27 4.93
N HIS D 4 -13.75 12.77 4.01
CA HIS D 4 -13.30 13.56 2.87
C HIS D 4 -14.06 13.33 1.56
N LYS D 5 -15.17 12.58 1.63
CA LYS D 5 -16.02 12.34 0.45
C LYS D 5 -16.71 13.61 -0.03
N HIS D 6 -16.85 13.74 -1.35
CA HIS D 6 -17.51 14.92 -1.94
C HIS D 6 -18.28 14.57 -3.23
N THR D 7 -18.75 13.33 -3.33
CA THR D 7 -19.48 12.85 -4.52
C THR D 7 -20.64 13.79 -4.82
N GLY D 8 -20.72 14.23 -6.08
CA GLY D 8 -21.75 15.19 -6.51
C GLY D 8 -21.17 16.57 -6.76
N ARG D 9 -19.97 16.81 -6.22
CA ARG D 9 -19.33 18.09 -6.37
C ARG D 9 -17.81 17.94 -6.48
N ASN D 10 -17.14 19.08 -6.62
CA ASN D 10 -15.69 19.13 -6.62
C ASN D 10 -15.19 19.02 -5.18
N CYS D 11 -13.94 18.62 -5.02
CA CYS D 11 -13.31 18.64 -3.72
C CYS D 11 -13.16 20.06 -3.21
N GLY D 12 -12.41 20.86 -3.97
CA GLY D 12 -12.21 22.27 -3.67
C GLY D 12 -11.41 22.59 -2.41
N ARG D 13 -10.66 21.63 -1.87
CA ARG D 13 -9.85 21.89 -0.68
C ARG D 13 -8.74 22.91 -0.94
N LYS D 14 -8.65 23.89 -0.05
CA LYS D 14 -7.57 24.87 0.00
C LYS D 14 -6.46 24.31 0.87
N PHE D 15 -5.24 24.33 0.36
CA PHE D 15 -4.12 23.75 1.09
C PHE D 15 -3.59 24.69 2.17
N LYS D 16 -3.23 24.09 3.30
CA LYS D 16 -2.53 24.82 4.35
C LYS D 16 -1.03 24.74 4.07
N ILE D 17 -0.28 25.75 4.50
CA ILE D 17 1.17 25.75 4.32
C ILE D 17 1.77 24.43 4.81
N GLY D 18 2.62 23.82 3.97
CA GLY D 18 3.28 22.55 4.29
C GLY D 18 2.62 21.29 3.72
N GLU D 19 1.35 21.40 3.37
CA GLU D 19 0.60 20.25 2.83
C GLU D 19 0.97 19.94 1.37
N PRO D 20 0.93 18.66 0.99
CA PRO D 20 1.27 18.27 -0.38
C PRO D 20 0.15 18.53 -1.41
N LEU D 21 0.58 18.84 -2.64
CA LEU D 21 -0.31 19.03 -3.80
C LEU D 21 0.20 18.15 -4.93
N TYR D 22 -0.66 17.30 -5.48
CA TYR D 22 -0.26 16.40 -6.56
C TYR D 22 -0.74 16.90 -7.92
N ARG D 23 0.13 16.75 -8.94
CA ARG D 23 -0.19 17.06 -10.33
C ARG D 23 0.25 15.90 -11.23
N CYS D 24 -0.64 15.45 -12.11
CA CYS D 24 -0.37 14.35 -13.05
C CYS D 24 -0.34 14.88 -14.46
N HIS D 25 0.77 14.65 -15.16
CA HIS D 25 0.94 15.11 -16.53
C HIS D 25 -0.15 14.58 -17.45
N GLU D 26 -0.41 13.28 -17.37
CA GLU D 26 -1.36 12.57 -18.23
C GLU D 26 -2.82 12.95 -17.98
N CYS D 27 -3.20 12.96 -16.70
CA CYS D 27 -4.61 13.16 -16.34
C CYS D 27 -5.06 14.62 -16.36
N GLY D 28 -4.17 15.54 -16.01
CA GLY D 28 -4.53 16.95 -15.93
C GLY D 28 -4.83 17.56 -17.30
N CYS D 29 -5.93 18.30 -17.41
CA CYS D 29 -6.25 18.99 -18.67
C CYS D 29 -5.25 20.10 -18.99
N ASP D 30 -4.74 20.74 -17.95
CA ASP D 30 -3.60 21.64 -18.08
C ASP D 30 -2.71 21.49 -16.84
N ASP D 31 -1.64 22.28 -16.76
CA ASP D 31 -0.68 22.18 -15.64
C ASP D 31 -1.15 22.74 -14.30
N THR D 32 -2.38 23.23 -14.24
CA THR D 32 -2.85 23.86 -13.00
C THR D 32 -3.74 22.92 -12.18
N CYS D 33 -4.19 21.85 -12.82
CA CYS D 33 -5.08 20.87 -12.19
C CYS D 33 -4.32 20.09 -11.12
N VAL D 34 -4.79 20.17 -9.86
CA VAL D 34 -4.15 19.50 -8.73
C VAL D 34 -5.09 18.58 -7.95
N LEU D 35 -4.49 17.76 -7.10
CA LEU D 35 -5.24 16.85 -6.25
C LEU D 35 -4.66 16.89 -4.85
N CYS D 36 -5.52 16.79 -3.85
CA CYS D 36 -5.07 16.71 -2.46
C CYS D 36 -4.78 15.25 -2.13
N ILE D 37 -4.13 15.06 -0.99
CA ILE D 37 -3.76 13.72 -0.51
C ILE D 37 -4.99 12.83 -0.25
N HIS D 38 -6.10 13.46 0.12
CA HIS D 38 -7.33 12.70 0.42
C HIS D 38 -8.01 12.19 -0.85
N CYS D 39 -7.70 12.82 -1.99
CA CYS D 39 -8.33 12.50 -3.27
C CYS D 39 -7.48 11.68 -4.23
N PHE D 40 -6.19 12.01 -4.32
CA PHE D 40 -5.27 11.37 -5.25
C PHE D 40 -5.27 9.85 -5.02
N ASN D 41 -5.62 9.08 -6.06
CA ASN D 41 -5.65 7.61 -5.98
C ASN D 41 -4.53 7.04 -6.85
N PRO D 42 -3.51 6.41 -6.23
CA PRO D 42 -2.43 5.83 -7.02
C PRO D 42 -2.92 5.06 -8.28
N LYS D 43 -3.93 4.19 -8.11
CA LYS D 43 -4.45 3.36 -9.21
C LYS D 43 -4.67 4.12 -10.51
N ASP D 44 -5.15 5.35 -10.38
CA ASP D 44 -5.54 6.15 -11.53
C ASP D 44 -4.34 6.70 -12.28
N HIS D 45 -3.18 6.61 -11.64
CA HIS D 45 -1.95 7.18 -12.17
C HIS D 45 -0.88 6.12 -12.11
N VAL D 46 -1.16 4.98 -12.77
CA VAL D 46 -0.25 3.84 -12.79
C VAL D 46 1.06 4.15 -13.53
N ASN D 47 0.99 4.37 -14.83
CA ASN D 47 2.21 4.68 -15.55
C ASN D 47 2.36 6.17 -15.89
N HIS D 48 1.99 7.01 -14.93
CA HIS D 48 1.95 8.46 -15.14
C HIS D 48 3.07 9.24 -14.45
N HIS D 49 3.36 10.44 -14.97
CA HIS D 49 4.36 11.34 -14.43
C HIS D 49 3.72 12.31 -13.43
N VAL D 50 4.05 12.13 -12.15
CA VAL D 50 3.41 12.84 -11.06
C VAL D 50 4.42 13.65 -10.26
N CYS D 51 3.99 14.82 -9.80
CA CYS D 51 4.83 15.71 -9.03
C CYS D 51 4.09 16.06 -7.75
N THR D 52 4.78 16.01 -6.63
CA THR D 52 4.20 16.42 -5.34
C THR D 52 4.81 17.74 -4.90
N ASP D 53 4.08 18.82 -5.10
CA ASP D 53 4.54 20.13 -4.63
C ASP D 53 4.09 20.33 -3.19
N ILE D 54 4.76 21.24 -2.50
CA ILE D 54 4.46 21.53 -1.10
C ILE D 54 3.95 22.96 -1.02
N CYS D 55 2.80 23.12 -0.37
CA CYS D 55 2.11 24.40 -0.29
C CYS D 55 2.94 25.48 0.40
N THR D 56 3.00 26.65 -0.24
CA THR D 56 3.66 27.82 0.34
C THR D 56 2.66 28.96 0.30
N GLU D 57 3.07 30.14 0.77
CA GLU D 57 2.16 31.30 0.80
C GLU D 57 1.69 31.75 -0.58
N PHE D 58 2.41 31.39 -1.63
CA PHE D 58 2.05 31.76 -3.01
C PHE D 58 1.09 30.78 -3.68
N THR D 59 1.00 29.58 -3.14
CA THR D 59 0.19 28.50 -3.71
C THR D 59 -1.25 28.94 -4.04
N SER D 60 -1.68 28.73 -5.29
CA SER D 60 -3.04 29.08 -5.72
C SER D 60 -3.90 27.87 -6.07
N GLY D 61 -3.27 26.70 -6.12
CA GLY D 61 -3.99 25.47 -6.49
C GLY D 61 -5.10 25.13 -5.51
N ILE D 62 -6.23 24.70 -6.04
CA ILE D 62 -7.35 24.21 -5.24
C ILE D 62 -7.67 22.85 -5.81
N CYS D 63 -7.86 21.85 -4.94
CA CYS D 63 -8.08 20.49 -5.40
C CYS D 63 -9.21 20.41 -6.39
N ASP D 64 -8.92 19.77 -7.54
CA ASP D 64 -9.85 19.64 -8.67
C ASP D 64 -10.59 18.33 -8.80
N CYS D 65 -10.34 17.42 -7.87
CA CYS D 65 -11.04 16.15 -7.89
C CYS D 65 -12.55 16.41 -7.98
N GLY D 66 -13.24 15.62 -8.79
CA GLY D 66 -14.69 15.72 -8.91
C GLY D 66 -15.18 16.71 -9.94
N ASP D 67 -14.34 17.69 -10.28
CA ASP D 67 -14.60 18.65 -11.35
C ASP D 67 -14.12 17.98 -12.63
N GLU D 68 -15.07 17.44 -13.39
CA GLU D 68 -14.72 16.64 -14.57
C GLU D 68 -14.07 17.46 -15.66
N GLU D 69 -14.32 18.77 -15.65
CA GLU D 69 -13.74 19.72 -16.59
C GLU D 69 -12.21 19.71 -16.55
N ALA D 70 -11.66 19.27 -15.42
CA ALA D 70 -10.21 19.34 -15.17
C ALA D 70 -9.43 18.09 -15.60
N TRP D 71 -10.12 17.00 -15.92
CA TRP D 71 -9.47 15.69 -16.05
C TRP D 71 -9.75 14.94 -17.37
N ASN D 72 -8.71 14.35 -17.93
CA ASN D 72 -8.81 13.66 -19.23
C ASN D 72 -9.40 12.24 -19.13
N SER D 73 -9.50 11.73 -17.92
CA SER D 73 -10.06 10.41 -17.65
C SER D 73 -10.88 10.41 -16.35
N PRO D 74 -11.88 9.50 -16.25
CA PRO D 74 -12.63 9.31 -15.00
C PRO D 74 -11.75 8.93 -13.80
N LEU D 75 -11.61 9.84 -12.84
CA LEU D 75 -10.82 9.58 -11.64
C LEU D 75 -11.66 8.89 -10.59
N HIS D 76 -11.01 8.08 -9.76
CA HIS D 76 -11.69 7.40 -8.67
C HIS D 76 -11.17 7.93 -7.34
N CYS D 77 -11.94 8.84 -6.77
CA CYS D 77 -11.54 9.54 -5.55
C CYS D 77 -11.15 8.55 -4.47
N LYS D 78 -9.96 8.72 -3.91
CA LYS D 78 -9.48 7.86 -2.84
C LYS D 78 -10.45 7.84 -1.64
N ALA D 79 -11.08 8.98 -1.38
CA ALA D 79 -12.07 9.07 -0.30
C ALA D 79 -13.29 8.17 -0.54
N GLU D 80 -13.49 7.76 -1.80
CA GLU D 80 -14.63 6.94 -2.18
C GLU D 80 -14.38 5.42 -2.07
N GLU D 81 -13.14 5.04 -1.81
CA GLU D 81 -12.74 3.63 -1.74
C GLU D 81 -13.18 2.97 -0.43
N ARG E 1 0.73 -5.84 9.92
CA ARG E 1 1.29 -4.63 10.59
C ARG E 1 0.49 -3.38 10.24
N ASP E 2 0.69 -2.31 11.00
CA ASP E 2 0.09 -1.02 10.68
C ASP E 2 1.10 -0.08 10.00
N ALA E 3 0.66 0.53 8.90
CA ALA E 3 1.49 1.44 8.12
C ALA E 3 0.92 2.86 8.09
#